data_9IVB
#
_entry.id   9IVB
#
_cell.length_a   54.568
_cell.length_b   66.168
_cell.length_c   79.617
_cell.angle_alpha   90.00
_cell.angle_beta   91.69
_cell.angle_gamma   90.00
#
_symmetry.space_group_name_H-M   'P 1 21 1'
#
loop_
_entity.id
_entity.type
_entity.pdbx_description
1 polymer 'Hepatocyte growth factor receptor'
2 non-polymer bozitinib
3 water water
#
_entity_poly.entity_id   1
_entity_poly.type   'polypeptide(L)'
_entity_poly.pdbx_seq_one_letter_code
;GDSDISSPLLQNTVHIDLSALNPELVQAVQHVVIGPSSLIVHFNEVIGRGHFGCVYHGTLLDNDGKKIHCAVKSLNRITD
IGEVSQFLTEGIIMKDFSHPNVLSLLGICLRSEGSPLVVLPYMKHGDLRNFIRNETHNPTVKDLIGFGLQVAKGMKYLAS
KKFVHRDLAARNCMLDEKFTVKVADFGLARDMYDKEYYSVHNKTGAKLPVKWMALESLQTQKFTTKSDVWSFGVLLWELM
TRGAPPYPDVNTFDITVYLLQGRRLLQPEYCPDPLYEVMLKCWHPKAEMRPSFSELVSRISAIFSTFIG
;
_entity_poly.pdbx_strand_id   A,B
#
loop_
_chem_comp.id
_chem_comp.type
_chem_comp.name
_chem_comp.formula
A1L3A non-polymer bozitinib 'C20 H15 F3 N8'
#
# COMPACT_ATOMS: atom_id res chain seq x y z
N SER A 3 34.61 48.32 -10.54
CA SER A 3 36.04 48.61 -10.54
C SER A 3 36.59 48.64 -9.12
N ASP A 4 35.73 48.96 -8.16
CA ASP A 4 36.16 49.18 -6.79
C ASP A 4 35.62 48.10 -5.86
N ILE A 5 36.17 48.09 -4.64
CA ILE A 5 35.69 47.20 -3.58
C ILE A 5 34.35 47.66 -3.04
N SER A 6 34.04 48.95 -3.17
CA SER A 6 32.90 49.56 -2.51
C SER A 6 31.66 49.67 -3.40
N SER A 7 31.85 49.78 -4.73
CA SER A 7 30.73 49.99 -5.64
C SER A 7 30.76 48.99 -6.80
N PRO A 8 30.88 47.69 -6.52
CA PRO A 8 30.94 46.73 -7.62
C PRO A 8 29.60 46.59 -8.32
N LEU A 9 29.65 46.25 -9.59
CA LEU A 9 28.42 46.01 -10.34
C LEU A 9 27.65 44.86 -9.71
N LEU A 10 26.34 44.85 -9.96
CA LEU A 10 25.47 43.87 -9.31
C LEU A 10 25.88 42.44 -9.65
N GLN A 11 26.11 42.17 -10.94
CA GLN A 11 26.45 40.81 -11.37
C GLN A 11 27.74 40.34 -10.70
N ASN A 12 28.64 41.25 -10.37
CA ASN A 12 29.87 40.88 -9.69
C ASN A 12 29.67 40.66 -8.21
N THR A 13 28.66 41.27 -7.60
CA THR A 13 28.40 41.03 -6.18
C THR A 13 28.08 39.57 -5.88
N VAL A 14 27.72 38.80 -6.91
CA VAL A 14 27.67 37.35 -6.76
C VAL A 14 29.07 36.81 -6.48
N HIS A 15 30.07 37.30 -7.22
CA HIS A 15 31.45 36.90 -6.96
C HIS A 15 31.90 37.36 -5.58
N ILE A 16 31.52 38.58 -5.18
CA ILE A 16 32.01 39.15 -3.93
C ILE A 16 31.36 38.47 -2.74
N ASP A 17 30.04 38.58 -2.63
CA ASP A 17 29.33 38.11 -1.44
C ASP A 17 29.06 36.61 -1.45
N LEU A 18 29.41 35.90 -2.53
CA LEU A 18 29.28 34.44 -2.59
C LEU A 18 30.59 33.88 -3.15
N SER A 19 31.67 34.03 -2.38
CA SER A 19 32.98 33.55 -2.79
C SER A 19 33.14 32.04 -2.63
N ALA A 20 32.24 31.39 -1.91
CA ALA A 20 32.31 29.95 -1.69
C ALA A 20 31.41 29.16 -2.63
N LEU A 21 31.07 29.72 -3.79
CA LEU A 21 30.15 29.10 -4.72
C LEU A 21 30.89 28.50 -5.91
N ASN A 22 30.32 27.42 -6.43
CA ASN A 22 30.74 26.86 -7.71
C ASN A 22 30.77 27.96 -8.77
N PRO A 23 31.76 27.96 -9.67
CA PRO A 23 31.65 28.87 -10.83
C PRO A 23 30.40 28.60 -11.64
N GLU A 24 30.11 27.32 -11.90
CA GLU A 24 28.84 26.91 -12.48
C GLU A 24 27.66 27.59 -11.80
N LEU A 25 27.70 27.68 -10.46
CA LEU A 25 26.60 28.25 -9.71
C LEU A 25 26.67 29.77 -9.66
N VAL A 26 27.87 30.33 -9.79
CA VAL A 26 28.00 31.79 -9.89
C VAL A 26 27.16 32.30 -11.05
N GLN A 27 27.30 31.66 -12.21
CA GLN A 27 26.51 32.04 -13.37
C GLN A 27 25.03 31.71 -13.17
N ALA A 28 24.72 30.64 -12.44
CA ALA A 28 23.34 30.28 -12.19
C ALA A 28 22.62 31.36 -11.39
N VAL A 29 23.18 31.75 -10.24
CA VAL A 29 22.58 32.81 -9.45
C VAL A 29 22.91 34.19 -9.98
N GLN A 30 23.73 34.30 -11.03
CA GLN A 30 23.91 35.58 -11.71
C GLN A 30 22.71 35.91 -12.60
N HIS A 31 22.01 34.90 -13.09
CA HIS A 31 20.83 35.10 -13.92
C HIS A 31 19.61 35.55 -13.13
N VAL A 32 19.67 35.53 -11.80
CA VAL A 32 18.47 35.69 -10.98
C VAL A 32 18.74 36.70 -9.88
N VAL A 33 19.74 37.58 -10.07
CA VAL A 33 20.05 38.55 -9.04
C VAL A 33 18.98 39.63 -9.00
N ILE A 34 18.69 40.11 -7.79
CA ILE A 34 17.76 41.22 -7.58
C ILE A 34 18.55 42.40 -7.03
N GLY A 35 18.38 43.56 -7.65
CA GLY A 35 18.96 44.78 -7.13
C GLY A 35 18.31 45.18 -5.82
N PRO A 36 19.12 45.55 -4.83
CA PRO A 36 18.55 45.98 -3.55
C PRO A 36 17.61 47.17 -3.66
N SER A 37 17.89 48.11 -4.58
CA SER A 37 17.01 49.25 -4.77
C SER A 37 15.69 48.87 -5.44
N SER A 38 15.50 47.59 -5.79
CA SER A 38 14.27 47.11 -6.40
C SER A 38 13.43 46.26 -5.46
N LEU A 39 13.83 46.14 -4.19
CA LEU A 39 13.05 45.33 -3.25
C LEU A 39 13.13 45.95 -1.86
N ILE A 40 11.97 46.22 -1.27
CA ILE A 40 11.86 46.66 0.12
C ILE A 40 11.39 45.48 0.95
N VAL A 41 12.13 45.16 2.01
CA VAL A 41 11.78 44.06 2.90
C VAL A 41 11.20 44.65 4.18
N HIS A 42 9.95 44.29 4.47
CA HIS A 42 9.31 44.70 5.72
C HIS A 42 9.72 43.72 6.81
N PHE A 43 10.71 44.11 7.62
CA PHE A 43 11.07 43.35 8.80
C PHE A 43 10.17 43.67 9.99
N ASN A 44 9.05 44.34 9.75
CA ASN A 44 8.14 44.71 10.84
C ASN A 44 7.24 43.55 11.26
N GLU A 45 6.94 42.63 10.35
CA GLU A 45 6.08 41.50 10.66
C GLU A 45 6.55 40.28 9.90
N VAL A 46 6.64 39.15 10.60
CA VAL A 46 7.07 37.89 10.01
C VAL A 46 5.84 37.11 9.59
N ILE A 47 5.82 36.66 8.33
CA ILE A 47 4.71 35.87 7.80
C ILE A 47 5.08 34.40 7.66
N GLY A 48 6.19 33.97 8.27
CA GLY A 48 6.61 32.59 8.19
C GLY A 48 7.94 32.33 8.88
N ARG A 49 8.02 31.23 9.62
CA ARG A 49 9.24 30.87 10.35
C ARG A 49 9.69 29.48 9.91
N GLY A 50 10.97 29.37 9.56
CA GLY A 50 11.57 28.10 9.22
C GLY A 50 12.87 27.90 9.99
N HIS A 51 13.46 26.71 9.82
CA HIS A 51 14.68 26.40 10.53
C HIS A 51 15.90 27.13 9.98
N PHE A 52 15.82 27.68 8.76
CA PHE A 52 16.91 28.47 8.20
C PHE A 52 16.72 29.96 8.44
N GLY A 53 15.55 30.40 8.87
CA GLY A 53 15.27 31.81 9.03
C GLY A 53 13.80 32.07 8.80
N CYS A 54 13.44 33.35 8.95
CA CYS A 54 12.05 33.77 8.89
C CYS A 54 11.67 34.26 7.49
N VAL A 55 10.37 34.48 7.31
CA VAL A 55 9.79 34.94 6.05
C VAL A 55 9.08 36.26 6.31
N TYR A 56 9.36 37.26 5.47
CA TYR A 56 8.86 38.60 5.67
C TYR A 56 8.07 39.06 4.44
N HIS A 57 7.15 39.99 4.66
CA HIS A 57 6.47 40.62 3.54
C HIS A 57 7.42 41.57 2.83
N GLY A 58 7.40 41.53 1.49
CA GLY A 58 8.32 42.31 0.70
C GLY A 58 7.60 43.08 -0.41
N THR A 59 8.37 43.92 -1.09
CA THR A 59 7.89 44.74 -2.19
C THR A 59 8.94 44.70 -3.31
N LEU A 60 8.66 43.93 -4.36
CA LEU A 60 9.57 43.84 -5.50
C LEU A 60 9.13 44.82 -6.58
N LEU A 61 10.12 45.50 -7.17
CA LEU A 61 9.89 46.49 -8.22
C LEU A 61 10.43 45.95 -9.53
N ASP A 62 9.60 45.97 -10.58
CA ASP A 62 9.88 45.25 -11.81
C ASP A 62 10.32 46.21 -12.92
N ASN A 63 10.20 45.77 -14.18
CA ASN A 63 10.63 46.59 -15.32
C ASN A 63 9.83 47.89 -15.39
N ASP A 64 8.59 47.87 -14.93
CA ASP A 64 7.85 49.08 -14.61
C ASP A 64 7.70 49.17 -13.09
N GLY A 65 7.37 50.37 -12.62
CA GLY A 65 7.33 50.63 -11.19
C GLY A 65 6.42 49.70 -10.40
N LYS A 66 5.57 48.94 -11.10
CA LYS A 66 4.62 48.06 -10.44
C LYS A 66 5.14 47.34 -9.21
N LYS A 67 4.47 47.52 -8.09
CA LYS A 67 4.84 46.90 -6.83
C LYS A 67 4.12 45.55 -6.72
N ILE A 68 4.88 44.47 -6.86
CA ILE A 68 4.35 43.13 -6.68
C ILE A 68 4.68 42.66 -5.27
N HIS A 69 3.65 42.29 -4.52
CA HIS A 69 3.85 41.75 -3.19
C HIS A 69 4.64 40.44 -3.25
N CYS A 70 5.33 40.14 -2.15
CA CYS A 70 6.11 38.93 -2.11
C CYS A 70 6.35 38.55 -0.66
N ALA A 71 6.76 37.30 -0.48
CA ALA A 71 7.39 36.85 0.75
C ALA A 71 8.87 36.68 0.47
N VAL A 72 9.69 37.18 1.39
CA VAL A 72 11.15 37.12 1.25
C VAL A 72 11.68 36.24 2.36
N LYS A 73 12.24 35.09 1.99
CA LYS A 73 12.75 34.13 2.95
C LYS A 73 14.16 34.53 3.38
N SER A 74 14.36 34.74 4.67
CA SER A 74 15.66 35.07 5.22
C SER A 74 16.41 33.80 5.59
N LEU A 75 17.72 33.80 5.35
CA LEU A 75 18.59 32.67 5.70
C LEU A 75 19.59 33.07 6.77
N ASN A 76 19.18 33.93 7.70
CA ASN A 76 20.13 34.45 8.69
C ASN A 76 20.61 33.36 9.65
N ARG A 77 19.76 32.39 9.97
CA ARG A 77 20.09 31.42 11.01
C ARG A 77 21.12 30.40 10.55
N ILE A 78 21.15 30.06 9.26
CA ILE A 78 22.23 29.20 8.77
C ILE A 78 23.50 30.05 8.73
N THR A 79 24.42 29.80 9.65
CA THR A 79 25.54 30.70 9.91
C THR A 79 26.76 30.40 9.05
N ASP A 80 27.00 29.13 8.74
CA ASP A 80 28.20 28.76 7.98
C ASP A 80 28.04 29.19 6.52
N ILE A 81 28.94 30.07 6.07
CA ILE A 81 28.87 30.63 4.73
C ILE A 81 29.35 29.62 3.70
N GLY A 82 29.52 28.37 4.11
CA GLY A 82 29.82 27.29 3.20
C GLY A 82 28.66 26.34 3.11
N GLU A 83 27.87 26.28 4.19
CA GLU A 83 26.59 25.57 4.13
C GLU A 83 25.58 26.36 3.32
N VAL A 84 25.64 27.70 3.40
CA VAL A 84 24.83 28.54 2.52
C VAL A 84 25.10 28.19 1.06
N SER A 85 26.38 28.11 0.69
CA SER A 85 26.75 27.77 -0.68
C SER A 85 26.22 26.39 -1.06
N GLN A 86 26.22 25.45 -0.11
CA GLN A 86 25.63 24.14 -0.38
C GLN A 86 24.13 24.27 -0.62
N PHE A 87 23.46 25.14 0.15
CA PHE A 87 22.02 25.31 0.00
C PHE A 87 21.67 25.87 -1.37
N LEU A 88 22.42 26.89 -1.83
CA LEU A 88 22.20 27.41 -3.17
C LEU A 88 22.53 26.38 -4.23
N THR A 89 23.44 25.44 -3.93
CA THR A 89 23.72 24.35 -4.85
C THR A 89 22.52 23.43 -5.00
N GLU A 90 21.81 23.17 -3.89
CA GLU A 90 20.72 22.21 -3.91
C GLU A 90 19.54 22.69 -4.75
N GLY A 91 19.20 23.97 -4.64
CA GLY A 91 17.91 24.42 -5.15
C GLY A 91 17.87 25.49 -6.21
N ILE A 92 19.01 25.95 -6.69
CA ILE A 92 19.01 26.99 -7.72
C ILE A 92 18.36 26.50 -9.01
N ILE A 93 18.24 25.18 -9.18
CA ILE A 93 17.54 24.61 -10.32
C ILE A 93 16.07 25.01 -10.34
N MET A 94 15.57 25.60 -9.24
CA MET A 94 14.21 26.14 -9.24
C MET A 94 14.01 27.17 -10.33
N LYS A 95 15.08 27.87 -10.71
CA LYS A 95 14.96 28.91 -11.74
C LYS A 95 14.48 28.34 -13.07
N ASP A 96 14.71 27.05 -13.32
CA ASP A 96 14.27 26.42 -14.55
C ASP A 96 12.83 25.94 -14.51
N PHE A 97 12.20 25.93 -13.33
CA PHE A 97 10.85 25.39 -13.19
C PHE A 97 9.82 26.50 -13.37
N SER A 98 8.77 26.20 -14.13
CA SER A 98 7.69 27.17 -14.36
C SER A 98 6.41 26.38 -14.62
N HIS A 99 5.50 26.41 -13.65
CA HIS A 99 4.22 25.71 -13.74
C HIS A 99 3.23 26.44 -12.85
N PRO A 100 1.95 26.50 -13.24
CA PRO A 100 0.97 27.20 -12.40
C PRO A 100 0.78 26.58 -11.03
N ASN A 101 1.05 25.29 -10.86
CA ASN A 101 0.88 24.61 -9.59
C ASN A 101 2.20 24.40 -8.85
N VAL A 102 3.23 25.16 -9.19
CA VAL A 102 4.54 25.05 -8.57
C VAL A 102 4.96 26.42 -8.07
N LEU A 103 5.45 26.49 -6.83
CA LEU A 103 5.96 27.74 -6.29
C LEU A 103 7.18 28.17 -7.10
N SER A 104 7.10 29.35 -7.69
CA SER A 104 8.19 29.89 -8.48
C SER A 104 9.13 30.71 -7.61
N LEU A 105 10.25 31.12 -8.19
CA LEU A 105 11.24 31.94 -7.51
C LEU A 105 11.44 33.23 -8.29
N LEU A 106 11.33 34.36 -7.60
CA LEU A 106 11.49 35.67 -8.24
C LEU A 106 12.94 36.10 -8.34
N GLY A 107 13.74 35.85 -7.31
CA GLY A 107 15.14 36.23 -7.36
C GLY A 107 15.82 36.02 -6.03
N ILE A 108 17.14 36.21 -6.07
CA ILE A 108 17.98 36.17 -4.87
C ILE A 108 18.60 37.55 -4.71
N CYS A 109 18.39 38.16 -3.55
CA CYS A 109 18.89 39.50 -3.27
C CYS A 109 20.18 39.41 -2.47
N LEU A 110 21.23 40.05 -2.98
CA LEU A 110 22.54 40.08 -2.33
C LEU A 110 23.09 38.68 -2.14
N GLY A 114 22.80 39.16 6.76
CA GLY A 114 24.03 38.99 6.00
C GLY A 114 23.91 37.93 4.93
N SER A 115 23.09 36.92 5.20
CA SER A 115 22.85 35.87 4.23
C SER A 115 22.02 36.41 3.07
N PRO A 116 22.01 35.73 1.94
CA PRO A 116 21.17 36.15 0.81
C PRO A 116 19.69 36.05 1.17
N LEU A 117 18.86 36.59 0.28
CA LEU A 117 17.41 36.65 0.49
C LEU A 117 16.72 35.85 -0.59
N VAL A 118 15.83 34.96 -0.18
CA VAL A 118 15.01 34.18 -1.11
C VAL A 118 13.72 34.94 -1.36
N VAL A 119 13.58 35.51 -2.55
CA VAL A 119 12.41 36.28 -2.94
C VAL A 119 11.44 35.36 -3.66
N LEU A 120 10.25 35.22 -3.11
CA LEU A 120 9.23 34.29 -3.58
C LEU A 120 7.91 35.02 -3.71
N PRO A 121 6.99 34.52 -4.53
CA PRO A 121 5.68 35.18 -4.66
C PRO A 121 4.91 35.11 -3.35
N TYR A 122 4.18 36.17 -3.05
CA TYR A 122 3.36 36.22 -1.86
C TYR A 122 2.16 35.28 -2.01
N MET A 123 1.83 34.57 -0.94
CA MET A 123 0.73 33.61 -0.93
C MET A 123 -0.34 34.13 0.00
N LYS A 124 -1.42 34.66 -0.58
CA LYS A 124 -2.39 35.41 0.19
C LYS A 124 -3.07 34.56 1.25
N HIS A 125 -3.26 33.27 1.01
CA HIS A 125 -4.03 32.42 1.91
C HIS A 125 -3.18 31.42 2.68
N GLY A 126 -1.86 31.59 2.69
CA GLY A 126 -1.03 30.72 3.49
C GLY A 126 -0.92 29.31 2.91
N ASP A 127 -0.57 28.38 3.79
CA ASP A 127 -0.29 27.01 3.40
C ASP A 127 -1.58 26.19 3.32
N LEU A 128 -1.49 25.07 2.60
CA LEU A 128 -2.69 24.28 2.28
C LEU A 128 -3.33 23.71 3.53
N ARG A 129 -2.52 23.31 4.52
CA ARG A 129 -3.08 22.68 5.70
C ARG A 129 -3.84 23.68 6.58
N ASN A 130 -3.20 24.81 6.90
CA ASN A 130 -3.84 25.78 7.77
C ASN A 130 -5.12 26.33 7.15
N PHE A 131 -5.24 26.28 5.82
CA PHE A 131 -6.46 26.75 5.17
C PHE A 131 -7.61 25.76 5.37
N ILE A 132 -7.36 24.48 5.12
CA ILE A 132 -8.40 23.46 5.23
C ILE A 132 -8.76 23.14 6.67
N ARG A 133 -8.01 23.66 7.65
CA ARG A 133 -8.31 23.43 9.05
C ARG A 133 -9.01 24.61 9.71
N ASN A 134 -9.05 25.76 9.05
CA ASN A 134 -9.68 26.95 9.63
C ASN A 134 -11.16 26.70 9.84
N GLU A 135 -11.62 26.90 11.09
CA GLU A 135 -13.02 26.75 11.43
C GLU A 135 -13.91 27.54 10.47
N THR A 136 -13.56 28.79 10.22
CA THR A 136 -14.39 29.73 9.48
C THR A 136 -14.29 29.57 7.97
N HIS A 137 -13.75 28.46 7.47
CA HIS A 137 -13.64 28.20 6.04
C HIS A 137 -14.48 27.00 5.68
N ASN A 138 -15.17 27.07 4.53
CA ASN A 138 -16.17 26.08 4.15
C ASN A 138 -15.87 25.51 2.77
N PRO A 139 -14.84 24.67 2.65
CA PRO A 139 -14.61 23.99 1.37
C PRO A 139 -15.48 22.75 1.26
N THR A 140 -16.15 22.61 0.12
CA THR A 140 -16.95 21.42 -0.10
C THR A 140 -16.05 20.23 -0.40
N VAL A 141 -16.69 19.06 -0.53
CA VAL A 141 -15.95 17.85 -0.90
C VAL A 141 -15.26 18.05 -2.25
N LYS A 142 -15.99 18.60 -3.22
CA LYS A 142 -15.43 18.82 -4.55
C LYS A 142 -14.25 19.78 -4.50
N ASP A 143 -14.30 20.77 -3.60
CA ASP A 143 -13.21 21.72 -3.48
C ASP A 143 -11.91 21.04 -3.09
N LEU A 144 -11.94 20.26 -2.00
CA LEU A 144 -10.72 19.63 -1.50
C LEU A 144 -10.14 18.66 -2.52
N ILE A 145 -10.98 18.00 -3.31
CA ILE A 145 -10.48 17.16 -4.38
C ILE A 145 -9.84 18.00 -5.47
N GLY A 146 -10.37 19.20 -5.72
CA GLY A 146 -9.75 20.10 -6.67
C GLY A 146 -8.35 20.52 -6.23
N PHE A 147 -8.18 20.76 -4.93
CA PHE A 147 -6.85 21.03 -4.40
C PHE A 147 -5.91 19.86 -4.67
N GLY A 148 -6.37 18.63 -4.41
CA GLY A 148 -5.53 17.47 -4.66
C GLY A 148 -5.27 17.23 -6.13
N LEU A 149 -6.17 17.74 -6.97
CA LEU A 149 -5.97 17.78 -8.41
C LEU A 149 -4.82 18.70 -8.79
N GLN A 150 -4.77 19.88 -8.17
CA GLN A 150 -3.78 20.88 -8.55
C GLN A 150 -2.38 20.44 -8.16
N VAL A 151 -2.23 19.88 -6.96
CA VAL A 151 -0.93 19.41 -6.54
C VAL A 151 -0.44 18.26 -7.42
N ALA A 152 -1.37 17.42 -7.88
CA ALA A 152 -1.00 16.31 -8.75
C ALA A 152 -0.43 16.81 -10.08
N LYS A 153 -0.95 17.93 -10.59
CA LYS A 153 -0.44 18.49 -11.83
C LYS A 153 0.98 19.04 -11.64
N GLY A 154 1.16 19.91 -10.64
CA GLY A 154 2.50 20.43 -10.38
C GLY A 154 3.50 19.34 -10.07
N MET A 155 3.07 18.33 -9.30
CA MET A 155 3.91 17.15 -9.09
C MET A 155 4.23 16.44 -10.39
N LYS A 156 3.23 16.31 -11.27
CA LYS A 156 3.48 15.72 -12.58
C LYS A 156 4.49 16.55 -13.36
N TYR A 157 4.46 17.86 -13.19
CA TYR A 157 5.45 18.72 -13.84
C TYR A 157 6.83 18.50 -13.24
N LEU A 158 6.92 18.49 -11.91
CA LEU A 158 8.21 18.28 -11.26
C LEU A 158 8.75 16.89 -11.54
N ALA A 159 7.86 15.88 -11.60
CA ALA A 159 8.30 14.53 -11.94
C ALA A 159 8.88 14.46 -13.34
N SER A 160 8.37 15.28 -14.26
CA SER A 160 8.91 15.30 -15.63
C SER A 160 10.32 15.86 -15.68
N LYS A 161 10.71 16.66 -14.69
CA LYS A 161 12.07 17.18 -14.60
C LYS A 161 12.99 16.25 -13.85
N LYS A 162 12.58 15.01 -13.62
CA LYS A 162 13.36 14.03 -12.85
C LYS A 162 13.74 14.60 -11.48
N PHE A 163 12.83 15.37 -10.90
CA PHE A 163 13.07 16.12 -9.67
C PHE A 163 12.29 15.47 -8.53
N VAL A 164 13.00 15.09 -7.48
CA VAL A 164 12.41 14.44 -6.31
C VAL A 164 12.27 15.50 -5.23
N HIS A 165 11.04 15.94 -4.97
CA HIS A 165 10.80 17.03 -4.01
C HIS A 165 11.09 16.59 -2.58
N ARG A 166 10.77 15.34 -2.21
CA ARG A 166 11.13 14.66 -0.97
C ARG A 166 10.24 15.01 0.22
N ASP A 167 9.45 16.07 0.15
CA ASP A 167 8.70 16.53 1.32
C ASP A 167 7.33 17.05 0.90
N LEU A 168 6.60 16.25 0.11
CA LEU A 168 5.25 16.64 -0.30
C LEU A 168 4.28 16.39 0.85
N ALA A 169 3.57 17.44 1.26
CA ALA A 169 2.59 17.38 2.34
C ALA A 169 1.79 18.67 2.33
N ALA A 170 0.58 18.60 2.90
CA ALA A 170 -0.35 19.72 2.90
C ALA A 170 0.16 20.95 3.65
N ARG A 171 1.20 20.80 4.47
CA ARG A 171 1.83 21.97 5.08
C ARG A 171 2.84 22.63 4.15
N ASN A 172 3.15 22.01 3.02
CA ASN A 172 4.19 22.46 2.12
C ASN A 172 3.64 22.90 0.76
N CYS A 173 2.34 23.17 0.68
CA CYS A 173 1.71 23.70 -0.51
C CYS A 173 0.97 24.97 -0.15
N MET A 174 1.11 26.00 -0.98
CA MET A 174 0.58 27.32 -0.66
C MET A 174 -0.58 27.68 -1.57
N LEU A 175 -1.31 28.72 -1.18
CA LEU A 175 -2.50 29.17 -1.88
C LEU A 175 -2.38 30.67 -2.13
N ASP A 176 -2.43 31.06 -3.39
CA ASP A 176 -2.45 32.48 -3.74
C ASP A 176 -3.86 33.03 -3.59
N GLU A 177 -4.09 34.26 -4.03
CA GLU A 177 -5.40 34.88 -3.86
C GLU A 177 -6.44 34.35 -4.84
N LYS A 178 -6.04 33.56 -5.84
CA LYS A 178 -6.97 32.86 -6.70
C LYS A 178 -7.12 31.39 -6.31
N PHE A 179 -6.61 31.01 -5.13
CA PHE A 179 -6.70 29.65 -4.60
C PHE A 179 -6.09 28.63 -5.55
N THR A 180 -5.13 29.07 -6.36
CA THR A 180 -4.26 28.14 -7.06
C THR A 180 -3.27 27.55 -6.08
N VAL A 181 -3.18 26.22 -6.03
CA VAL A 181 -2.27 25.55 -5.14
C VAL A 181 -0.91 25.50 -5.82
N LYS A 182 0.14 25.81 -5.06
CA LYS A 182 1.49 25.68 -5.57
C LYS A 182 2.27 24.75 -4.66
N VAL A 183 2.80 23.66 -5.22
CA VAL A 183 3.75 22.88 -4.48
C VAL A 183 4.92 23.76 -4.09
N ALA A 184 5.32 23.68 -2.83
CA ALA A 184 6.36 24.54 -2.31
C ALA A 184 7.31 23.68 -1.46
N ASP A 185 8.07 24.35 -0.59
CA ASP A 185 9.02 23.69 0.31
C ASP A 185 10.05 22.87 -0.46
N PHE A 186 10.56 23.43 -1.55
CA PHE A 186 11.57 22.75 -2.36
C PHE A 186 12.60 23.77 -2.83
N GLY A 187 13.85 23.31 -2.92
CA GLY A 187 14.91 24.17 -3.41
C GLY A 187 15.29 25.21 -2.37
N LEU A 188 15.35 26.48 -2.82
CA LEU A 188 15.58 27.60 -1.93
C LEU A 188 14.43 27.81 -0.94
N ALA A 189 13.27 27.20 -1.18
CA ALA A 189 12.15 27.26 -0.26
C ALA A 189 12.08 26.07 0.68
N ARG A 190 12.98 25.10 0.51
CA ARG A 190 13.00 23.92 1.36
C ARG A 190 13.42 24.30 2.78
N ASP A 191 12.64 23.84 3.75
CA ASP A 191 12.89 24.16 5.17
C ASP A 191 11.99 23.25 6.01
N MET A 192 11.93 23.54 7.30
CA MET A 192 11.03 22.88 8.23
C MET A 192 10.11 23.95 8.80
N TYR A 193 8.93 24.10 8.19
CA TYR A 193 7.99 25.13 8.61
C TYR A 193 7.07 24.68 9.74
N ASP A 194 7.15 23.41 10.14
CA ASP A 194 6.52 22.94 11.38
C ASP A 194 7.35 21.76 11.86
N LYS A 195 8.19 21.99 12.87
CA LYS A 195 9.19 21.01 13.28
C LYS A 195 8.59 19.74 13.84
N GLU A 196 7.32 19.77 14.25
CA GLU A 196 6.75 18.68 15.05
C GLU A 196 6.79 17.34 14.34
N TYR A 197 6.79 17.33 13.00
CA TYR A 197 6.64 16.10 12.24
C TYR A 197 7.95 15.58 11.66
N TYR A 198 9.09 16.14 12.05
CA TYR A 198 10.35 15.81 11.43
C TYR A 198 11.28 15.10 12.41
N SER A 199 11.92 14.04 11.93
CA SER A 199 13.01 13.40 12.63
C SER A 199 14.32 13.74 11.94
N VAL A 200 15.26 14.30 12.70
CA VAL A 200 16.61 14.52 12.19
C VAL A 200 17.39 13.22 12.38
N HIS A 201 17.75 12.58 11.27
CA HIS A 201 18.66 11.45 11.32
C HIS A 201 19.97 11.89 11.98
N ASN A 202 20.59 10.97 12.73
CA ASN A 202 21.72 11.33 13.57
C ASN A 202 23.07 10.88 13.01
N LYS A 203 23.10 10.29 11.82
CA LYS A 203 24.34 10.11 11.07
C LYS A 203 24.35 11.00 9.83
N THR A 204 23.41 10.78 8.91
CA THR A 204 23.09 11.79 7.93
C THR A 204 22.29 12.89 8.59
N GLY A 205 22.58 14.14 8.25
CA GLY A 205 21.77 15.22 8.81
C GLY A 205 20.35 15.28 8.29
N ALA A 206 19.93 14.29 7.51
CA ALA A 206 18.67 14.35 6.79
C ALA A 206 17.49 14.59 7.72
N LYS A 207 16.50 15.32 7.22
CA LYS A 207 15.28 15.64 7.95
C LYS A 207 14.15 14.79 7.39
N LEU A 208 13.47 14.07 8.27
CA LEU A 208 12.58 12.98 7.85
C LEU A 208 11.13 13.22 8.29
N PRO A 209 10.20 13.43 7.37
CA PRO A 209 8.76 13.53 7.70
C PRO A 209 8.09 12.16 7.74
N VAL A 210 8.29 11.47 8.87
CA VAL A 210 8.00 10.03 8.98
C VAL A 210 6.56 9.72 8.60
N LYS A 211 5.62 10.55 9.06
CA LYS A 211 4.21 10.29 8.78
C LYS A 211 3.87 10.39 7.30
N TRP A 212 4.76 10.97 6.48
CA TRP A 212 4.54 11.11 5.06
C TRP A 212 5.49 10.29 4.20
N MET A 213 6.52 9.68 4.79
CA MET A 213 7.52 8.97 4.01
C MET A 213 7.05 7.58 3.62
N ALA A 214 7.51 7.13 2.47
CA ALA A 214 7.22 5.78 1.99
C ALA A 214 7.98 4.77 2.84
N LEU A 215 7.51 3.51 2.78
CA LEU A 215 8.09 2.47 3.62
C LEU A 215 9.54 2.19 3.24
N GLU A 216 9.84 2.16 1.95
CA GLU A 216 11.23 1.96 1.54
C GLU A 216 12.11 3.16 1.91
N SER A 217 11.50 4.34 2.05
CA SER A 217 12.27 5.53 2.41
C SER A 217 12.74 5.45 3.86
N LEU A 218 11.92 4.86 4.74
CA LEU A 218 12.35 4.70 6.12
C LEU A 218 13.42 3.64 6.26
N GLN A 219 13.39 2.61 5.41
CA GLN A 219 14.35 1.51 5.51
C GLN A 219 15.70 1.85 4.89
N THR A 220 15.75 2.80 3.97
CA THR A 220 16.98 3.07 3.22
C THR A 220 17.33 4.55 3.10
N GLN A 221 16.39 5.47 3.31
CA GLN A 221 16.60 6.91 3.12
C GLN A 221 16.99 7.24 1.68
N LYS A 222 16.52 6.44 0.73
CA LYS A 222 16.73 6.68 -0.69
C LYS A 222 15.40 7.13 -1.29
N PHE A 223 15.21 8.44 -1.39
CA PHE A 223 13.96 9.00 -1.89
C PHE A 223 13.89 8.93 -3.42
N THR A 224 12.68 8.74 -3.96
CA THR A 224 12.51 8.55 -5.41
C THR A 224 11.28 9.28 -5.91
N THR A 225 10.97 9.15 -7.21
CA THR A 225 9.69 9.71 -7.62
C THR A 225 8.52 8.84 -7.16
N LYS A 226 8.75 7.53 -6.95
CA LYS A 226 7.67 6.70 -6.45
C LYS A 226 7.35 7.03 -4.99
N SER A 227 8.34 7.48 -4.21
CA SER A 227 8.06 7.83 -2.82
C SER A 227 7.28 9.12 -2.66
N ASP A 228 7.26 10.00 -3.64
CA ASP A 228 6.38 11.14 -3.50
C ASP A 228 4.95 10.74 -3.81
N VAL A 229 4.75 9.70 -4.63
CA VAL A 229 3.40 9.24 -4.84
C VAL A 229 2.79 8.82 -3.52
N TRP A 230 3.57 8.11 -2.70
CA TRP A 230 3.15 7.79 -1.33
C TRP A 230 2.77 9.06 -0.56
N SER A 231 3.69 10.03 -0.52
CA SER A 231 3.41 11.28 0.18
C SER A 231 2.22 12.03 -0.38
N PHE A 232 1.85 11.77 -1.64
CA PHE A 232 0.72 12.46 -2.24
C PHE A 232 -0.61 11.91 -1.72
N GLY A 233 -0.69 10.59 -1.50
CA GLY A 233 -1.92 10.01 -0.99
C GLY A 233 -2.18 10.35 0.46
N VAL A 234 -1.12 10.40 1.28
CA VAL A 234 -1.25 11.02 2.59
C VAL A 234 -1.76 12.45 2.45
N LEU A 235 -1.27 13.16 1.43
CA LEU A 235 -1.77 14.49 1.16
C LEU A 235 -3.25 14.47 0.77
N LEU A 236 -3.66 13.50 -0.05
CA LEU A 236 -5.08 13.28 -0.26
C LEU A 236 -5.79 13.06 1.07
N TRP A 237 -5.14 12.33 1.98
CA TRP A 237 -5.79 11.98 3.26
C TRP A 237 -6.02 13.23 4.10
N GLU A 238 -4.99 14.07 4.24
CA GLU A 238 -5.13 15.33 4.96
C GLU A 238 -6.31 16.14 4.43
N LEU A 239 -6.42 16.24 3.10
CA LEU A 239 -7.51 17.00 2.50
C LEU A 239 -8.86 16.44 2.89
N MET A 240 -9.05 15.12 2.75
CA MET A 240 -10.35 14.52 3.05
C MET A 240 -10.69 14.60 4.52
N THR A 241 -9.68 14.65 5.39
CA THR A 241 -9.89 14.92 6.81
C THR A 241 -9.75 16.39 7.14
N ARG A 242 -9.50 17.23 6.13
CA ARG A 242 -9.33 18.67 6.30
C ARG A 242 -8.21 18.99 7.28
N GLY A 243 -7.08 18.30 7.10
CA GLY A 243 -5.88 18.59 7.86
C GLY A 243 -5.75 17.87 9.18
N ALA A 244 -6.28 16.67 9.30
CA ALA A 244 -6.08 15.93 10.54
C ALA A 244 -4.70 15.28 10.55
N PRO A 245 -4.08 15.18 11.72
CA PRO A 245 -2.78 14.51 11.81
C PRO A 245 -2.89 13.06 11.38
N PRO A 246 -1.95 12.56 10.58
CA PRO A 246 -1.97 11.15 10.20
C PRO A 246 -1.41 10.27 11.30
N TYR A 247 -2.01 9.09 11.46
CA TYR A 247 -1.64 8.13 12.48
C TYR A 247 -1.55 8.73 13.89
N PRO A 248 -2.70 9.21 14.42
CA PRO A 248 -2.67 9.75 15.79
C PRO A 248 -2.48 8.66 16.85
N ASP A 249 -2.82 7.41 16.53
CA ASP A 249 -2.62 6.29 17.45
C ASP A 249 -1.28 5.60 17.24
N VAL A 250 -0.44 6.11 16.35
CA VAL A 250 0.84 5.49 16.00
C VAL A 250 1.92 6.55 16.09
N ASN A 251 2.75 6.46 17.13
CA ASN A 251 3.88 7.37 17.20
C ASN A 251 4.96 6.95 16.20
N THR A 252 5.96 7.81 16.05
CA THR A 252 6.90 7.68 14.93
C THR A 252 7.62 6.34 14.93
N PHE A 253 7.91 5.79 16.11
CA PHE A 253 8.73 4.58 16.20
C PHE A 253 8.04 3.41 15.50
N ASP A 254 6.86 3.02 15.99
CA ASP A 254 6.15 1.88 15.45
C ASP A 254 5.45 2.17 14.12
N ILE A 255 5.74 3.31 13.49
CA ILE A 255 5.15 3.60 12.18
C ILE A 255 5.57 2.56 11.17
N THR A 256 6.83 2.12 11.23
CA THR A 256 7.28 1.07 10.34
C THR A 256 6.57 -0.25 10.63
N VAL A 257 6.29 -0.53 11.90
CA VAL A 257 5.57 -1.75 12.26
C VAL A 257 4.14 -1.69 11.74
N TYR A 258 3.54 -0.50 11.77
CA TYR A 258 2.19 -0.33 11.22
C TYR A 258 2.16 -0.65 9.74
N LEU A 259 3.15 -0.15 8.98
CA LEU A 259 3.16 -0.28 7.53
C LEU A 259 3.74 -1.60 7.05
N LEU A 260 4.59 -2.26 7.84
CA LEU A 260 5.06 -3.58 7.47
C LEU A 260 4.01 -4.66 7.74
N GLN A 261 3.06 -4.39 8.63
CA GLN A 261 1.92 -5.27 8.80
C GLN A 261 1.03 -5.28 7.57
N GLY A 262 1.03 -4.19 6.81
CA GLY A 262 0.08 -3.99 5.74
C GLY A 262 -1.04 -3.02 6.08
N ARG A 263 -1.00 -2.41 7.26
CA ARG A 263 -2.02 -1.47 7.68
C ARG A 263 -1.74 -0.09 7.08
N ARG A 264 -2.77 0.53 6.52
CA ARG A 264 -2.68 1.88 5.98
C ARG A 264 -3.65 2.79 6.74
N LEU A 265 -3.73 4.05 6.30
CA LEU A 265 -4.68 4.98 6.87
C LEU A 265 -6.11 4.59 6.48
N LEU A 266 -7.02 4.66 7.45
CA LEU A 266 -8.40 4.26 7.21
C LEU A 266 -9.11 5.28 6.34
N GLN A 267 -10.22 4.85 5.77
CA GLN A 267 -11.00 5.72 4.89
C GLN A 267 -11.71 6.79 5.70
N PRO A 268 -11.47 8.07 5.43
CA PRO A 268 -12.17 9.13 6.17
C PRO A 268 -13.68 9.08 5.91
N GLU A 269 -14.42 9.71 6.83
CA GLU A 269 -15.87 9.67 6.76
C GLU A 269 -16.40 10.27 5.46
N TYR A 270 -15.69 11.25 4.91
CA TYR A 270 -16.15 11.99 3.74
C TYR A 270 -15.15 11.91 2.59
N CYS A 271 -14.62 10.71 2.36
CA CYS A 271 -13.78 10.45 1.21
C CYS A 271 -14.47 9.42 0.31
N PRO A 272 -14.78 9.77 -0.93
CA PRO A 272 -15.44 8.79 -1.81
C PRO A 272 -14.57 7.55 -1.99
N ASP A 273 -15.24 6.40 -2.07
CA ASP A 273 -14.54 5.14 -2.28
C ASP A 273 -13.58 5.14 -3.47
N PRO A 274 -13.90 5.71 -4.64
CA PRO A 274 -12.89 5.72 -5.72
C PRO A 274 -11.69 6.59 -5.40
N LEU A 275 -11.86 7.61 -4.55
CA LEU A 275 -10.71 8.43 -4.14
C LEU A 275 -9.88 7.70 -3.09
N TYR A 276 -10.52 7.04 -2.12
CA TYR A 276 -9.78 6.26 -1.15
C TYR A 276 -9.07 5.09 -1.80
N GLU A 277 -9.65 4.53 -2.87
CA GLU A 277 -8.96 3.48 -3.61
C GLU A 277 -7.69 4.02 -4.27
N VAL A 278 -7.74 5.28 -4.73
CA VAL A 278 -6.53 5.91 -5.27
C VAL A 278 -5.45 6.02 -4.20
N MET A 279 -5.86 6.36 -2.98
CA MET A 279 -4.92 6.46 -1.87
C MET A 279 -4.19 5.14 -1.65
N LEU A 280 -4.93 4.03 -1.70
CA LEU A 280 -4.33 2.72 -1.42
C LEU A 280 -3.34 2.31 -2.49
N LYS A 281 -3.57 2.72 -3.74
CA LYS A 281 -2.64 2.39 -4.81
C LYS A 281 -1.33 3.14 -4.65
N CYS A 282 -1.40 4.40 -4.21
CA CYS A 282 -0.20 5.20 -3.95
C CYS A 282 0.63 4.62 -2.81
N TRP A 283 0.01 3.84 -1.92
CA TRP A 283 0.70 3.24 -0.78
C TRP A 283 1.04 1.78 -1.03
N HIS A 284 1.18 1.37 -2.29
CA HIS A 284 1.51 -0.01 -2.59
C HIS A 284 2.91 -0.34 -2.10
N PRO A 285 3.11 -1.47 -1.42
CA PRO A 285 4.45 -1.80 -0.91
C PRO A 285 5.53 -1.88 -1.99
N LYS A 286 5.17 -2.17 -3.23
CA LYS A 286 6.13 -2.15 -4.33
C LYS A 286 6.07 -0.80 -5.03
N ALA A 287 7.17 -0.03 -4.96
CA ALA A 287 7.15 1.34 -5.42
C ALA A 287 6.89 1.44 -6.91
N GLU A 288 7.44 0.52 -7.70
CA GLU A 288 7.26 0.55 -9.14
C GLU A 288 5.82 0.28 -9.56
N MET A 289 4.97 -0.21 -8.66
CA MET A 289 3.58 -0.50 -8.97
C MET A 289 2.63 0.56 -8.45
N ARG A 290 3.15 1.66 -7.92
CA ARG A 290 2.31 2.78 -7.52
C ARG A 290 1.92 3.60 -8.76
N PRO A 291 0.79 4.30 -8.72
CA PRO A 291 0.38 5.09 -9.88
C PRO A 291 1.31 6.27 -10.12
N SER A 292 1.52 6.58 -11.39
CA SER A 292 2.30 7.75 -11.76
C SER A 292 1.48 9.02 -11.56
N PHE A 293 2.18 10.16 -11.50
CA PHE A 293 1.50 11.43 -11.31
C PHE A 293 0.66 11.82 -12.53
N SER A 294 1.01 11.32 -13.71
CA SER A 294 0.18 11.55 -14.88
C SER A 294 -1.03 10.61 -14.90
N GLU A 295 -0.90 9.43 -14.31
CA GLU A 295 -2.07 8.59 -14.10
C GLU A 295 -2.92 9.09 -12.94
N LEU A 296 -2.29 9.71 -11.95
CA LEU A 296 -3.02 10.29 -10.83
C LEU A 296 -3.90 11.45 -11.31
N VAL A 297 -3.35 12.30 -12.16
CA VAL A 297 -4.12 13.41 -12.71
C VAL A 297 -5.26 12.89 -13.58
N SER A 298 -5.13 11.70 -14.17
CA SER A 298 -6.26 11.19 -14.93
C SER A 298 -7.37 10.71 -14.02
N ARG A 299 -7.01 10.01 -12.93
CA ARG A 299 -8.02 9.46 -12.03
C ARG A 299 -8.71 10.55 -11.21
N ILE A 300 -7.94 11.49 -10.68
CA ILE A 300 -8.50 12.53 -9.83
C ILE A 300 -9.42 13.44 -10.61
N SER A 301 -9.07 13.77 -11.87
CA SER A 301 -9.96 14.62 -12.68
C SER A 301 -11.30 13.97 -12.91
N ALA A 302 -11.30 12.67 -13.20
CA ALA A 302 -12.56 11.96 -13.40
C ALA A 302 -13.39 11.97 -12.13
N ILE A 303 -12.72 11.90 -10.97
CA ILE A 303 -13.43 11.95 -9.69
C ILE A 303 -13.87 13.38 -9.39
N PHE A 304 -13.09 14.38 -9.82
CA PHE A 304 -13.39 15.76 -9.49
C PHE A 304 -14.60 16.28 -10.29
N SER A 305 -14.76 15.82 -11.54
CA SER A 305 -15.89 16.24 -12.34
C SER A 305 -17.19 15.60 -11.86
N THR A 306 -17.25 14.27 -11.91
CA THR A 306 -18.43 13.53 -11.51
C THR A 306 -18.75 13.76 -10.03
N PHE A 307 -19.91 13.24 -9.61
CA PHE A 307 -20.32 13.32 -8.22
C PHE A 307 -20.28 11.94 -7.57
N PRO B 8 6.13 -22.12 -29.28
CA PRO B 8 6.17 -23.51 -29.74
C PRO B 8 4.78 -24.10 -29.92
N LEU B 9 4.71 -25.32 -30.43
CA LEU B 9 3.41 -25.98 -30.55
C LEU B 9 2.74 -26.19 -29.21
N LEU B 10 3.54 -26.29 -28.14
CA LEU B 10 2.98 -26.47 -26.81
C LEU B 10 2.26 -25.21 -26.34
N GLN B 11 2.98 -24.09 -26.30
CA GLN B 11 2.36 -22.83 -25.90
C GLN B 11 1.36 -22.31 -26.93
N ASN B 12 1.28 -22.94 -28.11
CA ASN B 12 0.31 -22.54 -29.12
C ASN B 12 -1.06 -23.19 -28.93
N THR B 13 -1.12 -24.35 -28.27
CA THR B 13 -2.39 -25.03 -28.07
C THR B 13 -3.29 -24.33 -27.06
N VAL B 14 -2.78 -23.34 -26.32
CA VAL B 14 -3.66 -22.51 -25.51
C VAL B 14 -4.61 -21.72 -26.40
N HIS B 15 -4.11 -21.26 -27.55
CA HIS B 15 -4.99 -20.67 -28.56
C HIS B 15 -6.00 -21.68 -29.08
N ILE B 16 -5.63 -22.95 -29.12
CA ILE B 16 -6.40 -23.97 -29.83
C ILE B 16 -7.41 -24.66 -28.91
N ASP B 17 -7.00 -25.00 -27.69
CA ASP B 17 -7.89 -25.67 -26.76
C ASP B 17 -8.49 -24.72 -25.72
N LEU B 18 -8.05 -23.47 -25.69
CA LEU B 18 -8.63 -22.45 -24.81
C LEU B 18 -8.77 -21.14 -25.59
N SER B 19 -9.51 -21.20 -26.69
CA SER B 19 -9.77 -20.01 -27.52
C SER B 19 -10.74 -19.04 -26.87
N ALA B 20 -11.19 -19.30 -25.65
CA ALA B 20 -12.14 -18.44 -24.96
C ALA B 20 -11.49 -17.56 -23.90
N LEU B 21 -10.16 -17.58 -23.79
CA LEU B 21 -9.44 -16.72 -22.85
C LEU B 21 -9.01 -15.44 -23.57
N ASN B 22 -9.06 -14.32 -22.86
CA ASN B 22 -8.62 -13.07 -23.44
C ASN B 22 -7.10 -13.12 -23.69
N PRO B 23 -6.56 -12.22 -24.54
CA PRO B 23 -5.15 -12.36 -24.92
C PRO B 23 -4.19 -12.33 -23.75
N GLU B 24 -4.44 -11.47 -22.76
CA GLU B 24 -3.57 -11.37 -21.60
C GLU B 24 -3.43 -12.71 -20.89
N LEU B 25 -4.55 -13.38 -20.64
CA LEU B 25 -4.51 -14.63 -19.89
C LEU B 25 -3.93 -15.76 -20.72
N VAL B 26 -4.07 -15.70 -22.04
CA VAL B 26 -3.36 -16.65 -22.89
C VAL B 26 -1.86 -16.56 -22.62
N GLN B 27 -1.35 -15.34 -22.49
CA GLN B 27 0.07 -15.15 -22.19
C GLN B 27 0.45 -15.55 -20.77
N ALA B 28 -0.53 -15.80 -19.89
CA ALA B 28 -0.23 -16.32 -18.56
C ALA B 28 -0.28 -17.84 -18.50
N VAL B 29 -1.17 -18.46 -19.28
CA VAL B 29 -1.29 -19.92 -19.25
C VAL B 29 -0.10 -20.58 -19.96
N GLN B 30 0.27 -20.07 -21.14
CA GLN B 30 1.40 -20.64 -21.90
C GLN B 30 2.66 -20.76 -21.05
N HIS B 31 2.88 -19.82 -20.13
CA HIS B 31 4.04 -19.85 -19.25
C HIS B 31 3.96 -20.95 -18.20
N VAL B 32 2.88 -21.75 -18.21
CA VAL B 32 2.61 -22.75 -17.18
C VAL B 32 2.22 -24.09 -17.78
N VAL B 33 2.08 -24.17 -19.11
CA VAL B 33 1.53 -25.35 -19.75
C VAL B 33 2.50 -26.52 -19.65
N ILE B 34 1.97 -27.70 -19.26
CA ILE B 34 2.69 -28.96 -19.29
C ILE B 34 2.39 -29.67 -20.60
N GLY B 35 3.37 -30.42 -21.11
CA GLY B 35 3.15 -31.31 -22.22
C GLY B 35 2.72 -32.68 -21.75
N PRO B 36 1.70 -33.25 -22.39
CA PRO B 36 1.22 -34.59 -22.01
C PRO B 36 2.31 -35.66 -21.95
N SER B 37 3.36 -35.52 -22.76
CA SER B 37 4.49 -36.44 -22.67
C SER B 37 5.20 -36.35 -21.32
N SER B 38 4.90 -35.35 -20.51
CA SER B 38 5.56 -35.14 -19.23
C SER B 38 4.65 -35.37 -18.03
N LEU B 39 3.40 -35.76 -18.24
CA LEU B 39 2.45 -35.97 -17.15
C LEU B 39 1.81 -37.35 -17.29
N ILE B 40 2.22 -38.28 -16.43
CA ILE B 40 1.65 -39.61 -16.36
C ILE B 40 0.59 -39.61 -15.27
N VAL B 41 -0.68 -39.58 -15.67
CA VAL B 41 -1.80 -39.48 -14.75
C VAL B 41 -2.42 -40.85 -14.57
N HIS B 42 -2.59 -41.27 -13.32
CA HIS B 42 -3.18 -42.56 -12.98
C HIS B 42 -4.62 -42.33 -12.54
N PHE B 43 -5.56 -42.65 -13.42
CA PHE B 43 -6.97 -42.43 -13.13
C PHE B 43 -7.57 -43.55 -12.29
N ASN B 44 -6.85 -44.65 -12.08
CA ASN B 44 -7.29 -45.66 -11.13
C ASN B 44 -7.11 -45.20 -9.68
N GLU B 45 -6.52 -44.03 -9.46
CA GLU B 45 -6.27 -43.50 -8.13
C GLU B 45 -7.00 -42.16 -8.00
N VAL B 46 -8.15 -42.17 -7.33
CA VAL B 46 -8.82 -40.96 -6.91
C VAL B 46 -8.44 -40.68 -5.46
N ILE B 47 -7.89 -39.50 -5.21
CA ILE B 47 -7.43 -39.10 -3.89
C ILE B 47 -8.13 -37.85 -3.38
N GLY B 48 -8.96 -37.22 -4.21
CA GLY B 48 -9.72 -36.07 -3.77
C GLY B 48 -10.89 -35.85 -4.70
N ARG B 49 -11.92 -35.19 -4.17
CA ARG B 49 -13.13 -34.92 -4.95
C ARG B 49 -13.68 -33.55 -4.54
N GLY B 50 -13.79 -32.65 -5.51
CA GLY B 50 -14.48 -31.39 -5.33
C GLY B 50 -15.75 -31.37 -6.16
N HIS B 51 -16.40 -30.21 -6.13
CA HIS B 51 -17.60 -30.03 -6.94
C HIS B 51 -17.27 -29.97 -8.43
N PHE B 52 -16.03 -29.66 -8.79
CA PHE B 52 -15.63 -29.48 -10.18
C PHE B 52 -15.04 -30.74 -10.80
N GLY B 53 -14.69 -31.74 -10.01
CA GLY B 53 -14.14 -32.96 -10.57
C GLY B 53 -13.28 -33.69 -9.56
N CYS B 54 -12.71 -34.80 -10.02
CA CYS B 54 -11.91 -35.67 -9.19
C CYS B 54 -10.45 -35.20 -9.17
N VAL B 55 -9.74 -35.59 -8.10
CA VAL B 55 -8.32 -35.35 -7.97
C VAL B 55 -7.61 -36.70 -8.05
N TYR B 56 -6.46 -36.72 -8.71
CA TYR B 56 -5.76 -37.95 -9.03
C TYR B 56 -4.30 -37.86 -8.59
N HIS B 57 -3.66 -39.02 -8.44
CA HIS B 57 -2.25 -39.12 -8.09
C HIS B 57 -1.43 -39.32 -9.35
N GLY B 58 -0.60 -38.37 -9.70
CA GLY B 58 0.27 -38.55 -10.83
C GLY B 58 1.70 -38.17 -10.72
N THR B 59 2.42 -38.39 -11.78
CA THR B 59 3.84 -38.09 -11.83
C THR B 59 4.26 -37.05 -12.82
N LEU B 60 4.68 -35.91 -12.32
CA LEU B 60 5.23 -34.89 -13.16
C LEU B 60 6.75 -35.12 -13.46
N LEU B 61 7.15 -35.14 -14.72
CA LEU B 61 8.56 -35.38 -15.13
C LEU B 61 9.28 -34.08 -15.52
N ASP B 62 10.41 -34.19 -16.25
CA ASP B 62 11.13 -32.97 -16.75
C ASP B 62 11.61 -33.15 -18.19
N GLY B 65 13.71 -35.49 -17.05
CA GLY B 65 13.26 -36.90 -17.11
C GLY B 65 13.14 -37.44 -15.72
N LYS B 66 12.92 -36.55 -14.76
CA LYS B 66 12.80 -36.93 -13.33
C LYS B 66 11.33 -36.95 -12.93
N LYS B 67 10.91 -37.90 -12.11
CA LYS B 67 9.49 -38.07 -11.79
C LYS B 67 9.03 -37.57 -10.41
N ILE B 68 8.70 -36.28 -10.26
CA ILE B 68 8.08 -35.77 -9.00
C ILE B 68 6.58 -36.14 -8.88
N HIS B 69 6.00 -36.06 -7.68
CA HIS B 69 4.62 -36.43 -7.39
C HIS B 69 3.63 -35.28 -7.28
N CYS B 70 2.55 -35.36 -8.06
CA CYS B 70 1.57 -34.28 -8.11
C CYS B 70 0.14 -34.76 -8.03
N ALA B 71 -0.74 -33.86 -7.60
CA ALA B 71 -2.18 -34.08 -7.61
C ALA B 71 -2.75 -33.38 -8.84
N VAL B 72 -3.32 -34.17 -9.76
CA VAL B 72 -3.86 -33.65 -11.02
C VAL B 72 -5.36 -33.45 -10.82
N LYS B 73 -5.77 -32.20 -10.67
CA LYS B 73 -7.17 -31.85 -10.45
C LYS B 73 -7.88 -31.71 -11.79
N SER B 74 -9.04 -32.36 -11.92
CA SER B 74 -9.85 -32.28 -13.12
C SER B 74 -10.99 -31.28 -12.93
N LEU B 75 -11.42 -30.69 -14.05
CA LEU B 75 -12.51 -29.71 -14.05
C LEU B 75 -13.60 -30.11 -15.02
N ASN B 76 -13.74 -31.40 -15.31
CA ASN B 76 -14.68 -31.84 -16.33
C ASN B 76 -16.13 -31.59 -15.94
N ARG B 77 -16.42 -31.45 -14.64
CA ARG B 77 -17.77 -31.12 -14.22
C ARG B 77 -18.12 -29.67 -14.52
N ILE B 78 -17.17 -28.86 -14.98
CA ILE B 78 -17.45 -27.57 -15.59
C ILE B 78 -17.59 -27.85 -17.08
N THR B 79 -18.82 -28.13 -17.52
CA THR B 79 -19.03 -28.68 -18.85
C THR B 79 -18.71 -27.67 -19.94
N ASP B 80 -19.29 -26.47 -19.87
CA ASP B 80 -19.14 -25.50 -20.94
C ASP B 80 -17.84 -24.69 -20.76
N ILE B 81 -17.32 -24.21 -21.89
CA ILE B 81 -15.97 -23.65 -21.91
C ILE B 81 -15.93 -22.29 -21.23
N GLY B 82 -17.02 -21.51 -21.35
CA GLY B 82 -17.00 -20.16 -20.82
C GLY B 82 -16.69 -20.10 -19.33
N GLU B 83 -17.36 -20.94 -18.55
CA GLU B 83 -17.07 -21.00 -17.12
C GLU B 83 -15.69 -21.56 -16.86
N VAL B 84 -15.29 -22.60 -17.60
CA VAL B 84 -13.91 -23.08 -17.54
C VAL B 84 -12.94 -21.93 -17.74
N SER B 85 -13.25 -21.06 -18.72
CA SER B 85 -12.35 -19.96 -19.03
C SER B 85 -12.33 -18.90 -17.93
N GLN B 86 -13.43 -18.76 -17.18
CA GLN B 86 -13.47 -17.78 -16.11
C GLN B 86 -12.69 -18.24 -14.88
N PHE B 87 -12.80 -19.53 -14.55
CA PHE B 87 -12.03 -20.10 -13.44
C PHE B 87 -10.54 -19.86 -13.64
N LEU B 88 -10.03 -20.14 -14.84
CA LEU B 88 -8.64 -19.88 -15.16
C LEU B 88 -8.31 -18.40 -15.04
N THR B 89 -9.26 -17.52 -15.40
CA THR B 89 -9.03 -16.09 -15.29
C THR B 89 -8.86 -15.67 -13.84
N GLU B 90 -9.73 -16.14 -12.96
CA GLU B 90 -9.69 -15.72 -11.56
C GLU B 90 -8.52 -16.34 -10.82
N GLY B 91 -8.09 -17.55 -11.20
CA GLY B 91 -7.14 -18.30 -10.41
C GLY B 91 -5.75 -18.49 -10.98
N ILE B 92 -5.42 -17.86 -12.11
CA ILE B 92 -4.10 -18.04 -12.68
C ILE B 92 -3.02 -17.27 -11.92
N ILE B 93 -3.41 -16.30 -11.09
CA ILE B 93 -2.43 -15.51 -10.34
C ILE B 93 -1.71 -16.35 -9.28
N MET B 94 -2.18 -17.57 -8.99
CA MET B 94 -1.46 -18.41 -8.06
C MET B 94 -0.12 -18.87 -8.61
N LYS B 95 0.18 -18.59 -9.89
CA LYS B 95 1.53 -18.80 -10.42
C LYS B 95 2.51 -17.77 -9.87
N ASP B 96 2.03 -16.59 -9.50
CA ASP B 96 2.85 -15.53 -8.93
C ASP B 96 3.28 -15.82 -7.51
N PHE B 97 3.05 -17.01 -6.96
CA PHE B 97 3.15 -17.24 -5.52
C PHE B 97 4.20 -18.28 -5.19
N SER B 98 4.99 -18.01 -4.15
CA SER B 98 6.04 -18.91 -3.70
C SER B 98 6.21 -18.71 -2.20
N HIS B 99 5.84 -19.73 -1.41
CA HIS B 99 5.97 -19.70 0.04
C HIS B 99 5.88 -21.13 0.53
N PRO B 100 6.67 -21.51 1.54
CA PRO B 100 6.58 -22.90 2.04
C PRO B 100 5.22 -23.23 2.63
N ASN B 101 4.49 -22.25 3.16
CA ASN B 101 3.19 -22.46 3.76
C ASN B 101 2.04 -22.07 2.83
N VAL B 102 2.28 -22.07 1.52
CA VAL B 102 1.26 -21.77 0.52
C VAL B 102 1.30 -22.87 -0.52
N LEU B 103 0.13 -23.38 -0.89
CA LEU B 103 0.08 -24.37 -1.96
C LEU B 103 0.53 -23.75 -3.27
N SER B 104 1.28 -24.51 -4.05
CA SER B 104 1.88 -24.01 -5.28
C SER B 104 1.23 -24.63 -6.50
N LEU B 105 1.41 -23.98 -7.66
CA LEU B 105 0.90 -24.48 -8.93
C LEU B 105 2.08 -24.96 -9.76
N LEU B 106 2.09 -26.26 -10.08
CA LEU B 106 3.18 -26.84 -10.85
C LEU B 106 3.01 -26.65 -12.35
N GLY B 107 1.81 -26.85 -12.87
CA GLY B 107 1.55 -26.58 -14.26
C GLY B 107 0.10 -26.87 -14.60
N ILE B 108 -0.22 -26.66 -15.87
CA ILE B 108 -1.55 -26.93 -16.40
C ILE B 108 -1.39 -27.78 -17.65
N CYS B 109 -2.00 -28.95 -17.65
CA CYS B 109 -1.92 -29.87 -18.78
C CYS B 109 -3.20 -29.77 -19.61
N LEU B 110 -3.03 -29.73 -20.93
CA LEU B 110 -4.16 -29.56 -21.84
C LEU B 110 -4.44 -30.83 -22.64
N SER B 115 -10.97 -31.30 -19.69
CA SER B 115 -9.80 -31.27 -20.56
C SER B 115 -8.62 -30.42 -20.03
N PRO B 116 -8.89 -29.32 -19.31
CA PRO B 116 -7.77 -28.68 -18.58
C PRO B 116 -7.56 -29.33 -17.23
N LEU B 117 -6.28 -29.51 -16.89
CA LEU B 117 -5.89 -30.23 -15.67
C LEU B 117 -4.96 -29.35 -14.85
N VAL B 118 -5.39 -29.01 -13.64
CA VAL B 118 -4.54 -28.33 -12.68
C VAL B 118 -3.58 -29.34 -12.07
N VAL B 119 -2.32 -28.96 -11.92
CA VAL B 119 -1.27 -29.84 -11.41
C VAL B 119 -0.70 -29.21 -10.15
N LEU B 120 -0.86 -29.89 -9.03
CA LEU B 120 -0.57 -29.36 -7.71
C LEU B 120 0.31 -30.34 -6.94
N PRO B 121 1.00 -29.87 -5.89
CA PRO B 121 1.87 -30.77 -5.14
C PRO B 121 1.07 -31.85 -4.44
N TYR B 122 1.54 -33.09 -4.57
CA TYR B 122 0.93 -34.19 -3.85
C TYR B 122 1.10 -33.98 -2.35
N MET B 123 0.01 -34.17 -1.60
CA MET B 123 -0.03 -33.90 -0.16
C MET B 123 -0.41 -35.19 0.54
N LYS B 124 0.59 -35.99 0.93
CA LYS B 124 0.33 -37.35 1.39
C LYS B 124 -0.49 -37.40 2.68
N HIS B 125 -0.61 -36.30 3.41
CA HIS B 125 -1.37 -36.29 4.65
C HIS B 125 -2.71 -35.59 4.53
N GLY B 126 -3.22 -35.42 3.31
CA GLY B 126 -4.58 -34.96 3.15
C GLY B 126 -4.79 -33.55 3.66
N ASP B 127 -5.97 -33.32 4.25
CA ASP B 127 -6.37 -32.01 4.73
C ASP B 127 -6.11 -31.88 6.24
N LEU B 128 -5.93 -30.63 6.67
CA LEU B 128 -5.56 -30.34 8.04
C LEU B 128 -6.57 -30.88 9.04
N ARG B 129 -7.87 -30.75 8.73
CA ARG B 129 -8.89 -31.14 9.70
C ARG B 129 -9.08 -32.65 9.75
N ASN B 130 -9.13 -33.31 8.59
CA ASN B 130 -9.15 -34.77 8.58
C ASN B 130 -7.94 -35.34 9.29
N PHE B 131 -6.84 -34.59 9.32
CA PHE B 131 -5.64 -35.05 9.99
C PHE B 131 -5.73 -34.90 11.51
N ILE B 132 -6.53 -33.96 12.00
CA ILE B 132 -6.73 -33.83 13.44
C ILE B 132 -7.97 -34.58 13.92
N ARG B 133 -8.87 -34.96 13.01
CA ARG B 133 -9.95 -35.88 13.36
C ARG B 133 -9.46 -37.32 13.49
N ASN B 134 -8.29 -37.63 12.95
CA ASN B 134 -7.85 -39.01 12.83
C ASN B 134 -7.39 -39.52 14.20
N GLU B 135 -8.04 -40.58 14.67
CA GLU B 135 -7.80 -41.12 16.00
C GLU B 135 -6.50 -41.90 16.13
N THR B 136 -5.90 -42.30 15.03
CA THR B 136 -4.59 -42.93 15.10
C THR B 136 -3.45 -41.92 15.13
N HIS B 137 -3.76 -40.64 14.98
CA HIS B 137 -2.81 -39.56 15.17
C HIS B 137 -2.97 -38.99 16.57
N ASN B 138 -1.85 -38.62 17.19
CA ASN B 138 -1.85 -38.06 18.53
C ASN B 138 -1.08 -36.75 18.54
N PRO B 139 -1.65 -35.67 18.01
CA PRO B 139 -0.99 -34.37 18.09
C PRO B 139 -1.20 -33.74 19.46
N THR B 140 -0.14 -33.11 19.96
CA THR B 140 -0.25 -32.38 21.20
C THR B 140 -0.85 -31.00 20.94
N VAL B 141 -1.19 -30.30 22.03
CA VAL B 141 -1.66 -28.93 21.90
C VAL B 141 -0.61 -28.06 21.22
N LYS B 142 0.67 -28.34 21.46
CA LYS B 142 1.73 -27.59 20.80
C LYS B 142 1.85 -27.97 19.33
N ASP B 143 1.57 -29.23 18.98
CA ASP B 143 1.56 -29.63 17.58
C ASP B 143 0.50 -28.87 16.79
N LEU B 144 -0.63 -28.54 17.44
CA LEU B 144 -1.72 -27.88 16.74
C LEU B 144 -1.52 -26.37 16.68
N ILE B 145 -0.82 -25.79 17.66
CA ILE B 145 -0.47 -24.37 17.56
C ILE B 145 0.66 -24.19 16.55
N GLY B 146 1.48 -25.22 16.36
CA GLY B 146 2.49 -25.17 15.31
C GLY B 146 1.88 -25.07 13.93
N PHE B 147 0.81 -25.84 13.69
CA PHE B 147 0.08 -25.68 12.43
C PHE B 147 -0.55 -24.31 12.32
N GLY B 148 -1.00 -23.75 13.44
CA GLY B 148 -1.53 -22.40 13.41
C GLY B 148 -0.49 -21.37 13.04
N LEU B 149 0.75 -21.58 13.48
CA LEU B 149 1.83 -20.68 13.09
C LEU B 149 2.18 -20.81 11.62
N GLN B 150 2.10 -22.03 11.08
CA GLN B 150 2.42 -22.24 9.68
C GLN B 150 1.34 -21.64 8.78
N VAL B 151 0.07 -21.82 9.13
CA VAL B 151 -1.01 -21.20 8.36
C VAL B 151 -0.85 -19.68 8.36
N ALA B 152 -0.55 -19.11 9.53
CA ALA B 152 -0.44 -17.65 9.65
C ALA B 152 0.66 -17.11 8.74
N LYS B 153 1.77 -17.82 8.61
CA LYS B 153 2.86 -17.37 7.75
C LYS B 153 2.42 -17.34 6.29
N GLY B 154 1.85 -18.45 5.81
CA GLY B 154 1.35 -18.50 4.45
C GLY B 154 0.21 -17.55 4.19
N MET B 155 -0.55 -17.18 5.23
CA MET B 155 -1.57 -16.15 5.08
C MET B 155 -0.97 -14.75 5.18
N LYS B 156 0.06 -14.59 6.00
CA LYS B 156 0.80 -13.33 6.04
C LYS B 156 1.41 -13.01 4.67
N TYR B 157 1.86 -14.05 3.97
CA TYR B 157 2.37 -13.87 2.61
C TYR B 157 1.26 -13.48 1.66
N LEU B 158 0.18 -14.24 1.64
CA LEU B 158 -0.93 -13.94 0.74
C LEU B 158 -1.49 -12.55 1.01
N ALA B 159 -1.54 -12.13 2.27
CA ALA B 159 -2.02 -10.79 2.58
C ALA B 159 -1.03 -9.73 2.11
N SER B 160 0.27 -10.05 2.10
CA SER B 160 1.27 -9.10 1.63
C SER B 160 1.26 -9.01 0.11
N LYS B 161 1.07 -10.14 -0.57
CA LYS B 161 0.77 -10.12 -2.00
C LYS B 161 -0.66 -9.65 -2.27
N LYS B 162 -1.38 -9.21 -1.23
CA LYS B 162 -2.72 -8.63 -1.35
C LYS B 162 -3.70 -9.58 -1.98
N PHE B 163 -3.49 -10.89 -1.79
CA PHE B 163 -4.44 -11.90 -2.22
C PHE B 163 -5.43 -12.17 -1.08
N VAL B 164 -6.68 -12.43 -1.46
CA VAL B 164 -7.78 -12.59 -0.52
C VAL B 164 -8.32 -14.00 -0.72
N HIS B 165 -8.12 -14.86 0.27
CA HIS B 165 -8.39 -16.29 0.11
C HIS B 165 -9.89 -16.57 0.05
N ARG B 166 -10.63 -16.12 1.06
CA ARG B 166 -12.08 -16.15 1.22
C ARG B 166 -12.60 -17.48 1.77
N ASP B 167 -11.81 -18.55 1.80
CA ASP B 167 -12.31 -19.85 2.20
C ASP B 167 -11.36 -20.52 3.20
N LEU B 168 -10.76 -19.72 4.07
CA LEU B 168 -9.78 -20.26 5.02
C LEU B 168 -10.47 -21.16 6.04
N ALA B 169 -10.11 -22.44 6.03
CA ALA B 169 -10.63 -23.41 6.98
C ALA B 169 -9.67 -24.59 7.02
N ALA B 170 -9.77 -25.38 8.09
CA ALA B 170 -8.87 -26.50 8.28
C ALA B 170 -9.04 -27.54 7.17
N ARG B 171 -10.26 -27.73 6.69
CA ARG B 171 -10.50 -28.60 5.55
C ARG B 171 -9.80 -28.11 4.30
N ASN B 172 -9.40 -26.85 4.26
CA ASN B 172 -8.83 -26.23 3.07
C ASN B 172 -7.32 -26.01 3.19
N CYS B 173 -6.70 -26.38 4.29
CA CYS B 173 -5.25 -26.30 4.48
C CYS B 173 -4.72 -27.72 4.49
N MET B 174 -3.67 -27.98 3.72
CA MET B 174 -3.24 -29.35 3.47
C MET B 174 -1.84 -29.57 4.04
N LEU B 175 -1.44 -30.84 4.10
CA LEU B 175 -0.20 -31.26 4.75
C LEU B 175 0.61 -32.16 3.83
N ASP B 176 1.93 -31.96 3.82
CA ASP B 176 2.85 -32.77 3.03
C ASP B 176 3.60 -33.76 3.93
N GLU B 177 4.48 -34.59 3.42
CA GLU B 177 5.26 -35.59 4.16
C GLU B 177 6.00 -35.13 5.37
N LYS B 178 6.42 -33.88 5.36
CA LYS B 178 7.20 -33.34 6.38
C LYS B 178 6.38 -32.46 7.24
N PHE B 179 5.10 -32.66 7.19
CA PHE B 179 4.17 -31.93 8.05
C PHE B 179 4.10 -30.44 7.86
N THR B 180 4.26 -30.04 6.63
CA THR B 180 4.13 -28.64 6.31
C THR B 180 2.69 -28.36 5.90
N VAL B 181 2.06 -27.47 6.64
CA VAL B 181 0.73 -27.09 6.19
C VAL B 181 0.87 -26.01 5.14
N LYS B 182 0.05 -26.10 4.10
CA LYS B 182 0.09 -25.15 3.00
C LYS B 182 -1.35 -24.71 2.72
N VAL B 183 -1.63 -23.44 2.98
CA VAL B 183 -2.93 -22.84 2.70
C VAL B 183 -3.31 -23.14 1.26
N ALA B 184 -4.42 -23.84 1.07
CA ALA B 184 -4.79 -24.35 -0.25
C ALA B 184 -6.19 -23.86 -0.59
N ASP B 185 -6.84 -24.56 -1.52
CA ASP B 185 -8.20 -24.24 -1.98
C ASP B 185 -8.30 -22.78 -2.41
N PHE B 186 -7.43 -22.40 -3.35
CA PHE B 186 -7.45 -21.05 -3.88
C PHE B 186 -6.88 -21.07 -5.29
N GLY B 187 -7.35 -20.12 -6.11
CA GLY B 187 -6.90 -20.07 -7.48
C GLY B 187 -7.44 -21.25 -8.26
N LEU B 188 -6.55 -21.93 -8.98
CA LEU B 188 -6.92 -23.13 -9.71
C LEU B 188 -7.11 -24.34 -8.82
N ALA B 189 -6.92 -24.19 -7.52
CA ALA B 189 -7.26 -25.21 -6.54
C ALA B 189 -8.58 -24.92 -5.84
N ARG B 190 -9.22 -23.80 -6.17
CA ARG B 190 -10.50 -23.46 -5.56
C ARG B 190 -11.56 -24.47 -5.95
N ASP B 191 -12.40 -24.84 -4.98
CA ASP B 191 -13.48 -25.82 -5.17
C ASP B 191 -14.20 -25.99 -3.84
N MET B 192 -15.36 -26.63 -3.90
CA MET B 192 -16.12 -26.99 -2.70
C MET B 192 -15.75 -28.43 -2.37
N TYR B 193 -14.92 -28.60 -1.33
CA TYR B 193 -14.31 -29.91 -1.09
C TYR B 193 -15.12 -30.80 -0.17
N ASP B 194 -16.03 -30.24 0.62
CA ASP B 194 -17.15 -31.00 1.16
C ASP B 194 -18.31 -30.04 1.34
N LYS B 195 -19.40 -30.31 0.63
CA LYS B 195 -20.49 -29.35 0.44
C LYS B 195 -21.34 -29.12 1.67
N GLU B 196 -21.10 -29.85 2.77
CA GLU B 196 -21.96 -29.71 3.95
C GLU B 196 -21.90 -28.31 4.54
N TYR B 197 -20.74 -27.66 4.46
CA TYR B 197 -20.52 -26.38 5.12
C TYR B 197 -20.73 -25.19 4.19
N TYR B 198 -21.32 -25.41 3.02
CA TYR B 198 -21.41 -24.39 1.98
C TYR B 198 -22.87 -24.11 1.65
N SER B 199 -23.20 -22.83 1.51
CA SER B 199 -24.55 -22.41 1.14
C SER B 199 -24.48 -21.66 -0.17
N VAL B 200 -24.96 -22.28 -1.25
CA VAL B 200 -24.99 -21.62 -2.54
C VAL B 200 -25.96 -20.45 -2.48
N HIS B 201 -25.47 -19.26 -2.79
CA HIS B 201 -26.33 -18.08 -2.84
C HIS B 201 -27.25 -18.15 -4.05
N ASN B 202 -28.42 -17.53 -3.94
CA ASN B 202 -29.44 -17.70 -4.98
C ASN B 202 -29.34 -16.73 -6.14
N LYS B 203 -28.70 -15.57 -5.97
CA LYS B 203 -28.50 -14.64 -7.09
C LYS B 203 -27.08 -14.73 -7.64
N THR B 204 -26.08 -14.41 -6.82
CA THR B 204 -24.72 -14.79 -7.16
C THR B 204 -24.58 -16.29 -6.94
N GLY B 205 -23.77 -16.93 -7.78
CA GLY B 205 -23.55 -18.36 -7.61
C GLY B 205 -22.78 -18.66 -6.35
N ALA B 206 -22.46 -17.61 -5.60
CA ALA B 206 -21.45 -17.68 -4.56
C ALA B 206 -21.56 -18.87 -3.60
N LYS B 207 -20.49 -19.65 -3.56
CA LYS B 207 -20.39 -20.79 -2.65
C LYS B 207 -19.84 -20.29 -1.31
N LEU B 208 -20.61 -20.48 -0.24
CA LEU B 208 -20.51 -19.66 0.96
C LEU B 208 -20.18 -20.48 2.21
N PRO B 209 -19.01 -20.29 2.82
CA PRO B 209 -18.72 -20.92 4.12
C PRO B 209 -19.24 -20.14 5.32
N VAL B 210 -20.49 -20.40 5.72
CA VAL B 210 -21.23 -19.53 6.63
C VAL B 210 -20.57 -19.46 8.01
N LYS B 211 -20.02 -20.56 8.48
CA LYS B 211 -19.49 -20.62 9.84
C LYS B 211 -18.02 -20.22 9.95
N TRP B 212 -17.39 -19.85 8.84
CA TRP B 212 -16.05 -19.29 8.86
C TRP B 212 -16.03 -17.84 8.41
N MET B 213 -17.19 -17.28 8.05
CA MET B 213 -17.25 -15.95 7.49
C MET B 213 -17.24 -14.87 8.56
N ALA B 214 -16.64 -13.74 8.21
CA ALA B 214 -16.79 -12.54 9.02
C ALA B 214 -18.25 -12.11 9.04
N LEU B 215 -18.61 -11.39 10.10
CA LEU B 215 -20.00 -10.92 10.23
C LEU B 215 -20.35 -9.98 9.08
N GLU B 216 -19.45 -9.05 8.76
CA GLU B 216 -19.72 -8.14 7.65
C GLU B 216 -19.82 -8.88 6.32
N SER B 217 -19.07 -9.98 6.16
CA SER B 217 -19.21 -10.79 4.95
C SER B 217 -20.59 -11.41 4.85
N LEU B 218 -21.14 -11.86 5.98
CA LEU B 218 -22.50 -12.40 6.01
C LEU B 218 -23.56 -11.35 5.73
N GLN B 219 -23.20 -10.07 5.70
CA GLN B 219 -24.14 -8.98 5.47
C GLN B 219 -23.95 -8.28 4.14
N THR B 220 -22.73 -8.25 3.60
CA THR B 220 -22.44 -7.50 2.38
C THR B 220 -21.95 -8.35 1.22
N GLN B 221 -21.59 -9.62 1.45
CA GLN B 221 -21.02 -10.50 0.45
C GLN B 221 -19.66 -10.01 -0.05
N LYS B 222 -18.98 -9.18 0.73
CA LYS B 222 -17.65 -8.68 0.39
C LYS B 222 -16.63 -9.27 1.37
N PHE B 223 -15.58 -9.86 0.81
CA PHE B 223 -14.51 -10.45 1.61
C PHE B 223 -13.26 -9.58 1.50
N THR B 224 -12.59 -9.40 2.64
CA THR B 224 -11.29 -8.73 2.70
C THR B 224 -10.30 -9.64 3.41
N THR B 225 -9.05 -9.18 3.52
CA THR B 225 -8.06 -9.91 4.30
C THR B 225 -8.42 -9.90 5.78
N LYS B 226 -9.03 -8.81 6.26
CA LYS B 226 -9.48 -8.76 7.64
C LYS B 226 -10.61 -9.74 7.91
N SER B 227 -11.36 -10.13 6.89
CA SER B 227 -12.28 -11.25 7.02
C SER B 227 -11.56 -12.59 6.93
N ASP B 228 -10.40 -12.64 6.28
CA ASP B 228 -9.57 -13.83 6.37
C ASP B 228 -9.00 -14.00 7.76
N VAL B 229 -8.76 -12.89 8.46
CA VAL B 229 -8.36 -12.97 9.86
C VAL B 229 -9.48 -13.56 10.70
N TRP B 230 -10.74 -13.21 10.36
CA TRP B 230 -11.88 -13.83 11.03
C TRP B 230 -11.86 -15.35 10.85
N SER B 231 -11.70 -15.82 9.61
CA SER B 231 -11.66 -17.26 9.38
C SER B 231 -10.40 -17.92 9.88
N PHE B 232 -9.37 -17.14 10.21
CA PHE B 232 -8.17 -17.74 10.77
C PHE B 232 -8.37 -18.07 12.24
N GLY B 233 -9.08 -17.22 12.97
CA GLY B 233 -9.44 -17.56 14.34
C GLY B 233 -10.32 -18.79 14.43
N VAL B 234 -11.17 -19.00 13.43
CA VAL B 234 -12.01 -20.19 13.41
C VAL B 234 -11.15 -21.42 13.12
N LEU B 235 -10.17 -21.30 12.23
CA LEU B 235 -9.22 -22.38 12.00
C LEU B 235 -8.47 -22.72 13.29
N LEU B 236 -8.07 -21.70 14.04
CA LEU B 236 -7.45 -21.94 15.35
C LEU B 236 -8.42 -22.69 16.27
N TRP B 237 -9.69 -22.29 16.27
CA TRP B 237 -10.68 -22.99 17.09
C TRP B 237 -10.80 -24.45 16.66
N GLU B 238 -10.75 -24.71 15.36
CA GLU B 238 -10.69 -26.09 14.89
C GLU B 238 -9.47 -26.80 15.47
N LEU B 239 -8.28 -26.22 15.28
CA LEU B 239 -7.04 -26.84 15.78
C LEU B 239 -7.17 -27.23 17.26
N MET B 240 -7.69 -26.32 18.09
CA MET B 240 -7.73 -26.58 19.52
C MET B 240 -8.79 -27.60 19.92
N THR B 241 -9.83 -27.77 19.11
CA THR B 241 -10.80 -28.85 19.30
C THR B 241 -10.58 -30.00 18.34
N ARG B 242 -9.51 -29.93 17.53
CA ARG B 242 -9.21 -30.90 16.47
C ARG B 242 -10.35 -30.83 15.45
N GLY B 243 -11.02 -31.93 15.13
CA GLY B 243 -11.92 -31.75 14.00
C GLY B 243 -13.31 -31.27 14.29
N ALA B 244 -13.55 -30.65 15.44
CA ALA B 244 -14.90 -30.29 15.82
C ALA B 244 -15.44 -29.17 14.93
N PRO B 245 -16.61 -29.36 14.31
CA PRO B 245 -17.21 -28.28 13.51
C PRO B 245 -17.62 -27.12 14.40
N PRO B 246 -17.50 -25.88 13.90
CA PRO B 246 -17.85 -24.72 14.71
C PRO B 246 -19.35 -24.49 14.77
N TYR B 247 -19.79 -23.93 15.90
CA TYR B 247 -21.19 -23.72 16.20
C TYR B 247 -22.06 -24.95 15.91
N PRO B 248 -21.81 -26.07 16.58
CA PRO B 248 -22.77 -27.18 16.48
C PRO B 248 -24.13 -26.80 17.06
N ASP B 249 -24.14 -25.89 18.03
CA ASP B 249 -25.38 -25.33 18.54
C ASP B 249 -26.19 -24.69 17.41
N VAL B 250 -25.55 -23.82 16.64
CA VAL B 250 -26.24 -22.80 15.86
C VAL B 250 -26.60 -23.36 14.48
N ASN B 251 -27.84 -23.11 14.07
CA ASN B 251 -28.29 -23.45 12.74
C ASN B 251 -27.57 -22.61 11.69
N THR B 252 -27.33 -23.21 10.52
CA THR B 252 -26.44 -22.61 9.53
C THR B 252 -26.97 -21.26 9.04
N PHE B 253 -28.20 -21.22 8.54
CA PHE B 253 -28.77 -19.97 8.08
C PHE B 253 -29.21 -19.07 9.23
N ASP B 254 -29.12 -19.55 10.46
CA ASP B 254 -29.32 -18.74 11.65
C ASP B 254 -28.00 -18.45 12.36
N ILE B 255 -26.91 -18.32 11.58
CA ILE B 255 -25.60 -18.06 12.18
C ILE B 255 -25.26 -16.57 12.25
N THR B 256 -26.04 -15.71 11.60
CA THR B 256 -25.76 -14.28 11.64
C THR B 256 -26.37 -13.62 12.87
N VAL B 257 -27.64 -13.94 13.15
CA VAL B 257 -28.29 -13.45 14.37
C VAL B 257 -27.48 -13.84 15.59
N TYR B 258 -26.86 -15.02 15.56
CA TYR B 258 -26.00 -15.47 16.66
C TYR B 258 -24.72 -14.65 16.76
N LEU B 259 -24.21 -14.15 15.63
CA LEU B 259 -23.04 -13.28 15.70
C LEU B 259 -23.42 -11.87 16.14
N LEU B 260 -24.61 -11.40 15.77
CA LEU B 260 -24.95 -9.99 15.94
C LEU B 260 -25.33 -9.60 17.37
N GLN B 261 -25.48 -10.56 18.28
CA GLN B 261 -25.66 -10.25 19.70
C GLN B 261 -24.39 -10.50 20.50
N GLY B 262 -23.26 -10.66 19.82
CA GLY B 262 -21.98 -10.75 20.47
C GLY B 262 -21.54 -12.14 20.87
N ARG B 263 -22.22 -13.18 20.38
CA ARG B 263 -21.85 -14.55 20.76
C ARG B 263 -20.73 -15.06 19.87
N ARG B 264 -19.76 -15.73 20.48
CA ARG B 264 -18.59 -16.25 19.79
C ARG B 264 -18.36 -17.69 20.20
N LEU B 265 -17.48 -18.36 19.45
CA LEU B 265 -17.09 -19.72 19.81
C LEU B 265 -16.36 -19.73 21.14
N LEU B 266 -16.61 -20.76 21.94
CA LEU B 266 -16.15 -20.82 23.32
C LEU B 266 -14.77 -21.45 23.41
N GLN B 267 -14.07 -21.13 24.50
CA GLN B 267 -12.70 -21.60 24.71
C GLN B 267 -12.68 -23.09 25.01
N PRO B 268 -12.05 -23.91 24.17
CA PRO B 268 -11.87 -25.31 24.52
C PRO B 268 -10.88 -25.47 25.67
N GLU B 269 -11.13 -26.49 26.50
CA GLU B 269 -10.44 -26.63 27.77
C GLU B 269 -8.94 -26.88 27.64
N TYR B 270 -8.43 -27.12 26.43
CA TYR B 270 -7.00 -27.28 26.23
C TYR B 270 -6.42 -26.18 25.35
N CYS B 271 -7.19 -25.15 25.07
CA CYS B 271 -6.65 -23.94 24.46
C CYS B 271 -6.09 -23.06 25.57
N PRO B 272 -4.79 -22.81 25.62
CA PRO B 272 -4.25 -21.88 26.64
C PRO B 272 -4.93 -20.52 26.53
N ASP B 273 -4.97 -19.82 27.66
CA ASP B 273 -5.58 -18.49 27.73
C ASP B 273 -5.04 -17.48 26.73
N PRO B 274 -3.74 -17.39 26.49
CA PRO B 274 -3.25 -16.48 25.46
C PRO B 274 -3.75 -16.71 24.02
N LEU B 275 -3.83 -17.98 23.64
CA LEU B 275 -4.31 -18.34 22.31
C LEU B 275 -5.79 -18.07 22.14
N TYR B 276 -6.59 -18.22 23.20
CA TYR B 276 -8.02 -17.97 23.05
C TYR B 276 -8.31 -16.47 22.91
N GLU B 277 -7.60 -15.63 23.66
CA GLU B 277 -7.79 -14.19 23.51
C GLU B 277 -7.31 -13.72 22.13
N VAL B 278 -6.39 -14.46 21.52
CA VAL B 278 -6.05 -14.21 20.11
C VAL B 278 -7.28 -14.45 19.23
N MET B 279 -8.05 -15.50 19.54
CA MET B 279 -9.22 -15.81 18.72
C MET B 279 -10.29 -14.74 18.87
N LEU B 280 -10.56 -14.31 20.10
CA LEU B 280 -11.58 -13.29 20.32
C LEU B 280 -11.18 -11.98 19.66
N LYS B 281 -9.88 -11.73 19.49
CA LYS B 281 -9.44 -10.58 18.72
C LYS B 281 -9.70 -10.77 17.24
N CYS B 282 -9.61 -12.01 16.74
CA CYS B 282 -9.87 -12.30 15.34
C CYS B 282 -11.33 -12.16 14.97
N TRP B 283 -12.24 -12.09 15.93
CA TRP B 283 -13.67 -11.97 15.68
C TRP B 283 -14.24 -10.67 16.22
N HIS B 284 -13.41 -9.64 16.34
CA HIS B 284 -13.92 -8.33 16.71
C HIS B 284 -14.91 -7.85 15.66
N PRO B 285 -16.04 -7.27 16.06
CA PRO B 285 -17.00 -6.79 15.06
C PRO B 285 -16.44 -5.71 14.15
N LYS B 286 -15.62 -4.81 14.69
CA LYS B 286 -14.95 -3.80 13.89
C LYS B 286 -13.72 -4.45 13.23
N ALA B 287 -13.77 -4.62 11.92
CA ALA B 287 -12.74 -5.37 11.19
C ALA B 287 -11.37 -4.71 11.25
N GLU B 288 -11.28 -3.45 11.68
CA GLU B 288 -10.00 -2.79 11.82
C GLU B 288 -9.29 -3.14 13.13
N MET B 289 -10.00 -3.73 14.09
CA MET B 289 -9.40 -4.13 15.35
C MET B 289 -8.83 -5.54 15.33
N ARG B 290 -9.26 -6.36 14.38
CA ARG B 290 -8.64 -7.67 14.20
C ARG B 290 -7.17 -7.49 13.81
N PRO B 291 -6.27 -8.31 14.31
CA PRO B 291 -4.84 -8.10 14.06
C PRO B 291 -4.46 -8.52 12.65
N SER B 292 -3.27 -8.07 12.24
CA SER B 292 -2.71 -8.53 10.99
C SER B 292 -2.29 -10.00 11.12
N PHE B 293 -2.17 -10.68 9.97
CA PHE B 293 -1.51 -11.97 9.98
C PHE B 293 -0.06 -11.81 10.42
N SER B 294 0.56 -10.66 10.11
CA SER B 294 1.88 -10.35 10.64
C SER B 294 1.85 -10.30 12.17
N GLU B 295 0.85 -9.62 12.73
CA GLU B 295 0.66 -9.65 14.18
C GLU B 295 0.32 -11.05 14.66
N LEU B 296 -0.42 -11.82 13.85
CA LEU B 296 -0.80 -13.16 14.26
C LEU B 296 0.40 -14.11 14.21
N VAL B 297 1.30 -13.92 13.25
CA VAL B 297 2.57 -14.64 13.28
C VAL B 297 3.34 -14.29 14.54
N SER B 298 3.20 -13.04 15.01
CA SER B 298 3.98 -12.59 16.16
C SER B 298 3.47 -13.19 17.46
N ARG B 299 2.17 -13.04 17.73
CA ARG B 299 1.63 -13.46 19.02
C ARG B 299 1.56 -14.98 19.12
N ILE B 300 1.22 -15.67 18.03
CA ILE B 300 1.10 -17.12 18.08
C ILE B 300 2.47 -17.77 18.26
N SER B 301 3.49 -17.26 17.56
CA SER B 301 4.83 -17.84 17.70
C SER B 301 5.34 -17.72 19.13
N ALA B 302 5.00 -16.63 19.82
CA ALA B 302 5.35 -16.49 21.23
C ALA B 302 4.74 -17.62 22.05
N ILE B 303 3.43 -17.80 21.93
CA ILE B 303 2.76 -18.89 22.64
C ILE B 303 3.38 -20.23 22.27
N PHE B 304 3.78 -20.38 21.00
CA PHE B 304 4.41 -21.63 20.56
C PHE B 304 5.75 -21.85 21.25
N SER B 305 6.63 -20.85 21.19
CA SER B 305 7.99 -21.00 21.70
C SER B 305 8.06 -21.04 23.22
N THR B 306 6.96 -20.81 23.93
CA THR B 306 6.93 -20.86 25.38
C THR B 306 6.25 -22.16 25.83
N PHE B 307 5.76 -22.17 27.07
CA PHE B 307 5.04 -23.32 27.61
C PHE B 307 4.31 -22.92 28.89
CAA A1L3A C . 6.74 26.74 1.70
CAB A1L3A C . 6.03 25.70 2.14
CAC A1L3A C . 5.36 25.87 3.34
CAD A1L3A C . 5.49 27.11 3.97
CAI A1L3A C . 7.53 28.66 1.70
CAJ A1L3A C . 7.91 30.09 2.08
CAM A1L3A C . 4.23 32.97 3.21
CAN A1L3A C . 5.11 32.33 2.45
CAO A1L3A C . 6.09 31.49 2.74
CAP A1L3A C . 6.89 30.97 1.74
CAQ A1L3A C . 6.64 31.37 0.42
CAR A1L3A C . 5.60 32.26 0.18
CAS A1L3A C . 4.87 32.72 1.19
CAT A1L3A C . 2.38 34.54 2.90
CAZ A1L3A C . 4.92 28.46 5.81
CBA A1L3A C . 4.87 27.33 5.13
CBB A1L3A C . 4.12 26.46 5.77
CBC A1L3A C . 2.83 26.49 7.89
CBD A1L3A C . 3.37 26.48 9.31
CBE A1L3A C . 3.35 25.19 8.51
FAU A1L3A C . 7.38 30.89 -0.61
FAV A1L3A C . 8.10 30.17 3.36
FAW A1L3A C . 8.99 30.42 1.46
NAE A1L3A C . 6.24 28.06 3.40
NAF A1L3A C . 6.77 27.85 2.40
NAG A1L3A C . 7.95 28.04 0.61
NAH A1L3A C . 7.50 26.93 0.61
NAK A1L3A C . 3.84 33.56 1.24
NAL A1L3A C . 3.47 33.70 2.39
NAX A1L3A C . 3.70 27.08 6.87
NAY A1L3A C . 4.18 28.24 6.90
CAA A1L3A D . -7.28 -28.12 -1.76
CAB A1L3A D . -7.85 -27.81 -0.60
CAC A1L3A D . -8.55 -28.81 0.04
CAD A1L3A D . -8.59 -30.06 -0.58
CAI A1L3A D . -6.74 -29.36 -3.38
CAJ A1L3A D . -6.59 -30.58 -4.29
CAM A1L3A D . -4.93 -34.73 -2.51
CAN A1L3A D . -4.91 -33.49 -2.96
CAO A1L3A D . -5.88 -32.69 -3.41
CAP A1L3A D . -5.58 -31.40 -3.84
CAQ A1L3A D . -4.26 -30.98 -3.79
CAR A1L3A D . -3.29 -31.86 -3.31
CAS A1L3A D . -3.64 -33.09 -2.92
CAT A1L3A D . -3.26 -36.36 -1.66
CAZ A1L3A D . -9.36 -32.28 -0.57
CBA A1L3A D . -9.24 -31.08 -0.03
CBB A1L3A D . -9.89 -31.06 1.12
CBC A1L3A D . -11.18 -32.76 2.42
CBD A1L3A D . -12.49 -33.46 2.08
CBE A1L3A D . -12.51 -32.04 2.65
FAU A1L3A D . -3.90 -29.75 -4.19
FAV A1L3A D . -7.72 -31.26 -4.30
FAW A1L3A D . -6.33 -30.18 -5.50
NAE A1L3A D . -7.97 -30.22 -1.76
NAF A1L3A D . -7.41 -29.36 -2.23
NAG A1L3A D . -6.22 -28.16 -3.58
NAH A1L3A D . -6.54 -27.43 -2.64
NAK A1L3A D . -2.93 -34.11 -2.43
NAL A1L3A D . -3.67 -35.04 -2.21
NAX A1L3A D . -10.39 -32.29 1.27
NAY A1L3A D . -10.09 -32.99 0.29
#